data_2YEJ
#
_entry.id   2YEJ
#
_cell.length_a   67.038
_cell.length_b   90.352
_cell.length_c   98.858
_cell.angle_alpha   90.00
_cell.angle_beta   90.00
_cell.angle_gamma   90.00
#
_symmetry.space_group_name_H-M   'I 2 2 2'
#
loop_
_entity.id
_entity.type
_entity.pdbx_description
1 polymer 'HEAT SHOCK PROTEIN HSP 90-ALPHA'
2 non-polymer 'MAGNESIUM ION'
3 non-polymer 'METHYL 5-ISOXAZOL-5-YL-3-METHYL-1H-PYRAZOLE-4-CARBOXYLATE'
4 non-polymer 4-METHYL-6-(METHYLSULFANYL)-1,3,5-TRIAZIN-2-AMINE
5 water water
#
_entity_poly.entity_id   1
_entity_poly.type   'polypeptide(L)'
_entity_poly.pdbx_seq_one_letter_code
;MGHHHHHHHHHHSSGHIDDADKHMDQPMEEEHVETFAFQAEIAQLMSLIINTFYSNKEIFLRELISNSSDALDKIRYESL
TDPSKLDSGKELHINLIPNKQDRTLTIVDTGIGMTKADLINNLGTIAKSGTKAFMEALQAGADISMIGQFGVGFYSAYLV
AEKVTVITKHNDDEQYAWESSAGGSFTVRTDTGEPMGRGTKVILHLKEDQTEYLEERRIKEIVKKHSQFIGYPITLFVEK
ERDKEVSDDEAE
;
_entity_poly.pdbx_strand_id   A
#
loop_
_chem_comp.id
_chem_comp.type
_chem_comp.name
_chem_comp.formula
MG non-polymer 'MAGNESIUM ION' 'Mg 2'
XQK non-polymer 'METHYL 5-ISOXAZOL-5-YL-3-METHYL-1H-PYRAZOLE-4-CARBOXYLATE' 'C9 H9 N3 O3'
ZZ3 non-polymer 4-METHYL-6-(METHYLSULFANYL)-1,3,5-TRIAZIN-2-AMINE 'C5 H8 N4 S'
#
# COMPACT_ATOMS: atom_id res chain seq x y z
N HIS A 32 -14.06 -6.51 17.62
CA HIS A 32 -13.50 -5.36 18.41
C HIS A 32 -12.70 -4.39 17.56
N VAL A 33 -13.42 -3.50 16.88
CA VAL A 33 -12.86 -2.52 15.95
C VAL A 33 -12.48 -1.22 16.65
N GLU A 34 -11.19 -0.88 16.60
CA GLU A 34 -10.69 0.36 17.18
C GLU A 34 -10.47 1.48 16.14
N THR A 35 -10.87 2.71 16.50
CA THR A 35 -10.83 3.86 15.59
C THR A 35 -9.86 4.95 16.08
N PHE A 36 -8.96 5.36 15.19
CA PHE A 36 -7.83 6.23 15.51
C PHE A 36 -7.84 7.40 14.56
N ALA A 37 -7.59 8.59 15.08
CA ALA A 37 -7.53 9.75 14.22
C ALA A 37 -6.16 9.82 13.60
N PHE A 38 -6.10 10.10 12.29
CA PHE A 38 -4.84 10.35 11.63
C PHE A 38 -4.20 11.53 12.31
N GLN A 39 -2.88 11.51 12.42
CA GLN A 39 -2.16 12.72 12.80
C GLN A 39 -2.58 13.85 11.85
N ALA A 40 -2.62 15.09 12.33
CA ALA A 40 -3.04 16.21 11.46
C ALA A 40 -2.36 16.27 10.10
N GLU A 41 -1.03 16.24 10.07
CA GLU A 41 -0.28 16.40 8.82
C GLU A 41 -0.72 15.42 7.73
N ILE A 42 -0.80 14.15 8.10
CA ILE A 42 -1.25 13.03 7.23
C ILE A 42 -2.65 13.26 6.67
N ALA A 43 -3.59 13.64 7.53
CA ALA A 43 -4.95 13.96 7.10
C ALA A 43 -4.95 15.10 6.08
N GLN A 44 -3.97 15.98 6.19
CA GLN A 44 -3.80 17.04 5.20
C GLN A 44 -3.30 16.51 3.86
N LEU A 45 -2.26 15.67 3.91
CA LEU A 45 -1.77 14.98 2.73
C LEU A 45 -2.95 14.28 2.04
N MET A 46 -3.59 13.34 2.73
CA MET A 46 -4.68 12.54 2.14
C MET A 46 -5.76 13.37 1.44
N SER A 47 -5.94 14.61 1.90
CA SER A 47 -6.89 15.51 1.27
C SER A 47 -6.30 16.06 0.00
N LEU A 48 -5.11 16.65 0.08
CA LEU A 48 -4.44 17.11 -1.12
C LEU A 48 -4.50 16.05 -2.23
N ILE A 49 -4.30 14.79 -1.90
CA ILE A 49 -4.31 13.75 -2.92
C ILE A 49 -5.73 13.56 -3.45
N ILE A 50 -6.69 13.49 -2.53
CA ILE A 50 -8.09 13.28 -2.94
C ILE A 50 -8.69 14.43 -3.77
N ASN A 51 -8.32 15.68 -3.48
CA ASN A 51 -8.97 16.83 -4.13
C ASN A 51 -8.25 17.51 -5.28
N THR A 52 -6.92 17.49 -5.28
CA THR A 52 -6.12 18.12 -6.35
C THR A 52 -6.35 17.48 -7.75
N PHE A 53 -6.35 18.32 -8.78
CA PHE A 53 -6.50 17.86 -10.13
C PHE A 53 -5.13 17.33 -10.59
N TYR A 54 -5.07 16.01 -10.80
CA TYR A 54 -3.85 15.35 -11.27
C TYR A 54 -4.29 14.20 -12.14
N SER A 55 -3.89 14.24 -13.38
CA SER A 55 -4.49 13.35 -14.33
C SER A 55 -3.78 12.03 -14.34
N ASN A 56 -2.55 12.06 -13.83
CA ASN A 56 -1.54 10.99 -13.95
C ASN A 56 -1.54 10.10 -12.72
N LYS A 57 -2.59 9.30 -12.61
CA LYS A 57 -2.91 8.58 -11.37
C LYS A 57 -2.25 7.23 -11.27
N GLU A 58 -1.85 6.71 -12.43
CA GLU A 58 -1.22 5.41 -12.50
C GLU A 58 0.02 5.28 -11.64
N ILE A 59 0.66 6.38 -11.27
CA ILE A 59 1.80 6.24 -10.34
C ILE A 59 1.43 5.48 -9.02
N PHE A 60 0.18 5.59 -8.58
CA PHE A 60 -0.29 4.87 -7.40
C PHE A 60 0.23 3.42 -7.38
N LEU A 61 0.39 2.83 -8.57
CA LEU A 61 0.66 1.39 -8.65
C LEU A 61 2.12 1.10 -8.43
N ARG A 62 2.99 1.81 -9.14
CA ARG A 62 4.40 1.53 -8.95
C ARG A 62 4.84 1.82 -7.52
N GLU A 63 4.15 2.77 -6.86
CA GLU A 63 4.39 3.09 -5.44
C GLU A 63 4.07 1.92 -4.53
N LEU A 64 2.91 1.32 -4.73
CA LEU A 64 2.49 0.18 -3.91
C LEU A 64 3.38 -1.03 -4.18
N ILE A 65 3.61 -1.28 -5.46
CA ILE A 65 4.48 -2.34 -5.96
C ILE A 65 5.90 -2.16 -5.40
N SER A 66 6.44 -0.96 -5.54
CA SER A 66 7.70 -0.54 -4.88
C SER A 66 7.65 -0.80 -3.37
N ASN A 67 6.51 -0.48 -2.76
CA ASN A 67 6.38 -0.71 -1.34
C ASN A 67 6.47 -2.21 -0.99
N SER A 68 5.77 -3.04 -1.75
CA SER A 68 5.85 -4.50 -1.59
C SER A 68 7.29 -4.99 -1.74
N SER A 69 8.01 -4.42 -2.71
CA SER A 69 9.40 -4.77 -2.96
C SER A 69 10.31 -4.48 -1.77
N ASP A 70 10.34 -3.23 -1.31
CA ASP A 70 10.97 -2.92 -0.04
C ASP A 70 10.64 -3.89 1.09
N ALA A 71 9.35 -4.25 1.24
CA ALA A 71 8.91 -5.23 2.24
C ALA A 71 9.44 -6.65 2.03
N LEU A 72 9.60 -7.04 0.78
CA LEU A 72 10.16 -8.36 0.47
C LEU A 72 11.63 -8.33 0.81
N ASP A 73 12.29 -7.29 0.33
CA ASP A 73 13.66 -6.96 0.74
C ASP A 73 13.91 -7.10 2.23
N LYS A 74 13.05 -6.50 3.06
CA LYS A 74 13.34 -6.58 4.50
C LYS A 74 13.32 -7.99 5.02
N ILE A 75 12.46 -8.86 4.47
CA ILE A 75 12.39 -10.20 5.06
C ILE A 75 13.53 -11.08 4.56
N ARG A 76 13.87 -10.92 3.27
CA ARG A 76 14.95 -11.68 2.65
C ARG A 76 16.16 -11.52 3.53
N TYR A 77 16.55 -10.26 3.72
CA TYR A 77 17.67 -9.88 4.60
C TYR A 77 17.60 -10.44 6.03
N GLU A 78 16.44 -10.28 6.68
CA GLU A 78 16.28 -10.73 8.06
C GLU A 78 16.46 -12.22 8.11
N SER A 79 15.93 -12.92 7.12
CA SER A 79 16.02 -14.38 7.08
C SER A 79 17.45 -14.93 6.82
N LEU A 80 18.34 -14.09 6.28
CA LEU A 80 19.76 -14.47 6.16
C LEU A 80 20.42 -14.74 7.53
N THR A 81 19.88 -14.15 8.60
CA THR A 81 20.37 -14.46 9.94
C THR A 81 19.42 -15.32 10.76
N ASP A 82 18.18 -15.44 10.30
CA ASP A 82 17.14 -16.14 11.05
C ASP A 82 16.28 -16.97 10.08
N PRO A 83 16.79 -18.15 9.67
CA PRO A 83 16.03 -18.93 8.67
C PRO A 83 14.57 -19.31 9.07
N SER A 84 14.27 -19.17 10.37
CA SER A 84 12.95 -19.44 10.95
C SER A 84 11.95 -18.30 10.68
N LYS A 85 12.45 -17.20 10.12
CA LYS A 85 11.60 -16.09 9.77
C LYS A 85 10.87 -16.39 8.48
N LEU A 86 11.32 -17.42 7.76
CA LEU A 86 10.62 -17.85 6.55
C LEU A 86 9.76 -19.11 6.78
N ASP A 87 9.55 -19.47 8.05
CA ASP A 87 8.69 -20.61 8.36
C ASP A 87 7.20 -20.28 8.08
N SER A 88 6.91 -18.99 7.83
CA SER A 88 5.54 -18.53 7.51
C SER A 88 5.35 -18.25 6.01
N GLY A 89 6.35 -18.64 5.22
CA GLY A 89 6.29 -18.54 3.77
C GLY A 89 7.66 -18.38 3.14
N LYS A 90 8.05 -19.37 2.34
CA LYS A 90 9.33 -19.31 1.62
C LYS A 90 9.22 -18.53 0.30
N GLU A 91 8.02 -18.37 -0.25
CA GLU A 91 7.90 -17.71 -1.56
C GLU A 91 7.82 -16.18 -1.42
N LEU A 92 8.69 -15.47 -2.13
CA LEU A 92 8.72 -14.03 -2.09
C LEU A 92 8.25 -13.56 -3.44
N HIS A 93 7.02 -13.02 -3.48
CA HIS A 93 6.34 -12.64 -4.70
C HIS A 93 5.34 -11.52 -4.46
N ILE A 94 4.97 -10.87 -5.55
CA ILE A 94 3.91 -9.86 -5.61
C ILE A 94 2.80 -10.29 -6.58
N ASN A 95 1.55 -10.22 -6.12
CA ASN A 95 0.42 -10.53 -6.95
C ASN A 95 -0.44 -9.31 -7.12
N LEU A 96 -0.88 -9.11 -8.35
CA LEU A 96 -1.91 -8.14 -8.65
C LEU A 96 -3.19 -8.86 -9.01
N ILE A 97 -4.24 -8.55 -8.26
CA ILE A 97 -5.51 -9.28 -8.34
C ILE A 97 -6.73 -8.36 -8.53
N PRO A 98 -7.15 -8.15 -9.78
CA PRO A 98 -8.24 -7.26 -10.10
C PRO A 98 -9.58 -7.95 -9.92
N ASN A 99 -10.61 -7.18 -9.59
CA ASN A 99 -11.94 -7.72 -9.33
C ASN A 99 -13.06 -6.74 -9.64
N LYS A 100 -13.62 -6.87 -10.86
CA LYS A 100 -14.65 -5.95 -11.38
C LYS A 100 -15.94 -6.06 -10.62
N GLN A 101 -16.29 -7.30 -10.24
CA GLN A 101 -17.45 -7.56 -9.38
C GLN A 101 -17.43 -6.69 -8.11
N ASP A 102 -16.58 -7.00 -7.12
CA ASP A 102 -16.48 -6.14 -5.92
C ASP A 102 -15.67 -4.84 -6.11
N ARG A 103 -15.41 -4.46 -7.36
CA ARG A 103 -14.65 -3.25 -7.80
C ARG A 103 -13.36 -2.90 -7.03
N THR A 104 -12.44 -3.86 -6.97
CA THR A 104 -11.22 -3.75 -6.21
C THR A 104 -10.01 -4.10 -7.07
N LEU A 105 -8.89 -3.44 -6.82
CA LEU A 105 -7.58 -3.94 -7.24
C LEU A 105 -6.80 -4.21 -5.97
N THR A 106 -6.23 -5.42 -5.89
CA THR A 106 -5.44 -5.82 -4.74
C THR A 106 -4.01 -6.11 -5.20
N ILE A 107 -3.06 -5.60 -4.39
CA ILE A 107 -1.63 -5.88 -4.45
C ILE A 107 -1.26 -6.68 -3.20
N VAL A 108 -0.70 -7.86 -3.42
CA VAL A 108 -0.46 -8.82 -2.36
C VAL A 108 1.02 -9.08 -2.40
N ASP A 109 1.64 -9.03 -1.24
CA ASP A 109 3.04 -9.36 -1.13
C ASP A 109 3.23 -10.25 0.07
N THR A 110 4.24 -11.12 -0.02
CA THR A 110 4.66 -11.90 1.11
C THR A 110 5.86 -11.18 1.75
N GLY A 111 5.74 -9.87 1.92
CA GLY A 111 6.76 -9.05 2.60
C GLY A 111 6.89 -9.30 4.10
N ILE A 112 7.65 -8.47 4.78
CA ILE A 112 7.73 -8.52 6.23
C ILE A 112 6.40 -8.20 6.93
N GLY A 113 5.53 -7.41 6.32
CA GLY A 113 4.22 -7.09 6.93
C GLY A 113 4.34 -6.13 8.10
N MET A 114 3.20 -5.80 8.71
CA MET A 114 3.18 -4.70 9.67
C MET A 114 2.61 -5.18 10.98
N THR A 115 3.35 -4.97 12.06
CA THR A 115 2.81 -5.21 13.39
C THR A 115 1.78 -4.13 13.76
N LYS A 116 1.11 -4.34 14.87
CA LYS A 116 0.01 -3.47 15.28
C LYS A 116 0.58 -2.11 15.59
N ALA A 117 1.79 -2.07 16.15
CA ALA A 117 2.48 -0.77 16.40
C ALA A 117 2.81 -0.02 15.13
N ASP A 118 3.32 -0.72 14.11
CA ASP A 118 3.44 -0.15 12.78
C ASP A 118 2.19 0.62 12.34
N LEU A 119 1.07 -0.09 12.35
CA LEU A 119 -0.20 0.43 11.88
C LEU A 119 -0.68 1.69 12.65
N ILE A 120 -0.58 1.66 13.97
CA ILE A 120 -1.07 2.75 14.84
C ILE A 120 -0.04 3.85 15.07
N ASN A 121 1.16 3.48 15.49
CA ASN A 121 2.18 4.44 15.92
C ASN A 121 3.25 4.68 14.84
N ASN A 122 4.16 3.70 14.74
CA ASN A 122 5.38 3.78 13.95
C ASN A 122 5.24 4.43 12.60
N LEU A 123 4.35 3.91 11.74
CA LEU A 123 4.34 4.37 10.35
C LEU A 123 3.85 5.84 10.20
N GLY A 124 3.00 6.27 11.12
CA GLY A 124 2.62 7.68 11.21
C GLY A 124 3.78 8.59 11.60
N THR A 125 4.65 8.14 12.50
CA THR A 125 5.74 8.98 12.99
C THR A 125 6.78 9.25 11.89
N ILE A 126 7.08 8.21 11.13
CA ILE A 126 7.93 8.32 9.96
C ILE A 126 7.25 9.23 8.94
N ALA A 127 5.98 8.93 8.69
CA ALA A 127 5.24 9.60 7.63
C ALA A 127 4.97 11.09 7.93
N LYS A 128 5.12 11.52 9.20
CA LYS A 128 4.79 12.91 9.58
C LYS A 128 5.85 13.90 9.07
N SER A 129 7.12 13.54 9.29
CA SER A 129 8.22 14.17 8.58
C SER A 129 8.09 13.95 7.07
N GLY A 130 7.75 12.72 6.65
CA GLY A 130 7.69 12.36 5.23
C GLY A 130 6.80 13.30 4.44
N THR A 131 5.66 13.65 5.06
CA THR A 131 4.64 14.55 4.51
C THR A 131 5.12 16.00 4.40
N LYS A 132 5.58 16.56 5.53
CA LYS A 132 6.01 17.97 5.58
C LYS A 132 7.03 18.27 4.48
N ALA A 133 8.04 17.41 4.36
CA ALA A 133 9.00 17.49 3.25
C ALA A 133 8.27 17.46 1.90
N PHE A 134 7.46 16.43 1.68
CA PHE A 134 6.70 16.31 0.42
C PHE A 134 5.90 17.58 0.14
N MET A 135 5.27 18.12 1.16
CA MET A 135 4.39 19.25 0.98
C MET A 135 5.17 20.53 0.73
N GLU A 136 6.26 20.71 1.48
CA GLU A 136 7.13 21.86 1.28
C GLU A 136 7.73 21.91 -0.13
N ALA A 137 8.00 20.72 -0.69
CA ALA A 137 8.47 20.58 -2.07
C ALA A 137 7.40 20.84 -3.15
N LEU A 138 6.12 20.81 -2.79
CA LEU A 138 5.05 21.01 -3.78
C LEU A 138 4.87 22.46 -4.31
N GLN A 139 5.18 23.48 -3.50
CA GLN A 139 5.42 24.84 -4.04
C GLN A 139 6.91 25.17 -3.91
N ALA A 140 7.52 25.33 -5.08
CA ALA A 140 8.93 25.01 -5.37
C ALA A 140 8.83 24.10 -6.59
N GLY A 141 7.61 23.67 -6.89
CA GLY A 141 7.24 23.09 -8.18
C GLY A 141 7.59 21.64 -8.48
N ALA A 142 7.80 20.83 -7.45
CA ALA A 142 7.80 19.37 -7.61
C ALA A 142 6.35 18.92 -7.74
N ASP A 143 6.11 17.77 -8.35
CA ASP A 143 4.71 17.31 -8.44
C ASP A 143 4.41 16.07 -7.59
N ILE A 144 3.18 15.60 -7.70
CA ILE A 144 2.64 14.51 -6.92
C ILE A 144 3.34 13.17 -7.18
N SER A 145 3.94 13.00 -8.36
CA SER A 145 4.56 11.72 -8.75
C SER A 145 5.86 11.44 -8.03
N MET A 146 6.40 12.47 -7.40
CA MET A 146 7.62 12.32 -6.64
C MET A 146 7.33 11.93 -5.17
N ILE A 147 6.07 11.61 -4.86
CA ILE A 147 5.63 11.19 -3.50
C ILE A 147 6.48 10.11 -2.85
N GLY A 148 7.03 9.21 -3.66
CA GLY A 148 7.84 8.10 -3.16
C GLY A 148 9.08 8.58 -2.44
N GLN A 149 9.79 9.54 -3.05
CA GLN A 149 11.06 10.06 -2.48
C GLN A 149 10.88 10.60 -1.07
N PHE A 150 9.62 10.84 -0.70
CA PHE A 150 9.26 11.44 0.58
C PHE A 150 8.76 10.40 1.57
N GLY A 151 8.79 9.12 1.16
CA GLY A 151 8.48 8.02 2.06
C GLY A 151 7.00 7.73 2.28
N VAL A 152 6.16 8.25 1.38
CA VAL A 152 4.69 8.21 1.55
C VAL A 152 3.91 7.79 0.29
N GLY A 153 4.56 7.03 -0.57
CA GLY A 153 3.91 6.48 -1.74
C GLY A 153 2.62 5.74 -1.46
N PHE A 154 2.56 4.95 -0.41
CA PHE A 154 1.32 4.33 -0.01
C PHE A 154 0.07 5.19 -0.25
N TYR A 155 0.10 6.43 0.21
CA TYR A 155 -1.03 7.34 0.08
C TYR A 155 -1.46 7.71 -1.33
N SER A 156 -0.57 7.54 -2.30
CA SER A 156 -0.94 7.70 -3.72
C SER A 156 -2.15 6.80 -4.10
N ALA A 157 -2.41 5.76 -3.31
CA ALA A 157 -3.60 4.89 -3.42
C ALA A 157 -4.90 5.66 -3.40
N TYR A 158 -4.87 6.86 -2.81
CA TYR A 158 -6.07 7.69 -2.74
C TYR A 158 -6.32 8.50 -4.01
N LEU A 159 -5.33 8.56 -4.87
CA LEU A 159 -5.58 9.05 -6.20
C LEU A 159 -6.70 8.22 -6.89
N VAL A 160 -6.81 6.92 -6.55
CA VAL A 160 -7.76 6.05 -7.27
C VAL A 160 -8.82 5.37 -6.39
N ALA A 161 -8.54 5.17 -5.10
CA ALA A 161 -9.43 4.43 -4.20
C ALA A 161 -10.20 5.41 -3.33
N GLU A 162 -11.47 5.09 -3.03
CA GLU A 162 -12.35 5.87 -2.13
C GLU A 162 -12.19 5.36 -0.68
N LYS A 163 -11.79 4.09 -0.58
CA LYS A 163 -11.50 3.42 0.68
C LYS A 163 -10.38 2.46 0.44
N VAL A 164 -9.41 2.40 1.35
CA VAL A 164 -8.34 1.38 1.26
C VAL A 164 -8.41 0.51 2.49
N THR A 165 -8.28 -0.79 2.26
CA THR A 165 -8.22 -1.78 3.32
C THR A 165 -6.86 -2.46 3.21
N VAL A 166 -6.25 -2.75 4.35
CA VAL A 166 -4.93 -3.38 4.39
C VAL A 166 -4.98 -4.59 5.28
N ILE A 167 -4.91 -5.78 4.67
CA ILE A 167 -4.72 -6.98 5.45
C ILE A 167 -3.22 -7.15 5.57
N THR A 168 -2.69 -7.40 6.77
CA THR A 168 -1.24 -7.63 6.91
C THR A 168 -0.88 -8.53 8.06
N LYS A 169 0.16 -9.34 7.89
CA LYS A 169 0.57 -10.29 8.91
C LYS A 169 2.07 -10.21 9.13
N HIS A 170 2.52 -9.80 10.33
CA HIS A 170 3.92 -9.95 10.73
C HIS A 170 4.15 -11.22 11.57
N ASN A 171 5.25 -11.92 11.30
CA ASN A 171 5.74 -13.02 12.17
C ASN A 171 5.55 -12.82 13.66
N ASP A 172 5.63 -11.58 14.12
CA ASP A 172 5.76 -11.41 15.55
C ASP A 172 4.41 -11.17 16.23
N ASP A 173 3.45 -10.65 15.45
CA ASP A 173 2.11 -10.27 15.89
C ASP A 173 1.06 -11.13 15.15
N GLU A 174 -0.22 -10.92 15.45
CA GLU A 174 -1.29 -11.67 14.77
C GLU A 174 -1.65 -10.96 13.46
N GLN A 175 -2.75 -11.36 12.83
CA GLN A 175 -3.10 -10.76 11.55
C GLN A 175 -4.10 -9.65 11.82
N TYR A 176 -3.94 -8.52 11.11
CA TYR A 176 -4.73 -7.31 11.39
C TYR A 176 -5.34 -6.76 10.11
N ALA A 177 -6.52 -6.17 10.25
CA ALA A 177 -7.15 -5.35 9.19
C ALA A 177 -7.06 -3.87 9.53
N TRP A 178 -6.47 -3.08 8.62
CA TRP A 178 -6.46 -1.64 8.72
C TRP A 178 -7.40 -1.17 7.65
N GLU A 179 -8.06 -0.05 7.86
CA GLU A 179 -8.96 0.43 6.87
C GLU A 179 -9.20 1.89 7.09
N SER A 180 -9.26 2.63 5.99
CA SER A 180 -9.72 4.02 6.00
C SER A 180 -10.22 4.56 4.66
N SER A 181 -11.30 5.35 4.77
CA SER A 181 -11.82 6.16 3.67
C SER A 181 -11.35 7.59 3.91
N ALA A 182 -10.19 7.78 4.52
CA ALA A 182 -9.74 9.16 4.75
C ALA A 182 -10.83 9.96 5.55
N GLY A 183 -11.04 11.22 5.26
CA GLY A 183 -11.83 12.03 6.20
C GLY A 183 -11.25 12.03 7.63
N GLY A 184 -9.93 11.94 7.74
CA GLY A 184 -9.23 12.13 9.02
C GLY A 184 -9.12 11.01 10.05
N SER A 185 -9.60 9.81 9.69
CA SER A 185 -9.60 8.69 10.63
C SER A 185 -9.49 7.32 9.93
N PHE A 186 -9.14 6.32 10.72
CA PHE A 186 -8.79 4.98 10.25
C PHE A 186 -9.00 3.99 11.36
N THR A 187 -9.47 2.78 11.02
CA THR A 187 -9.71 1.76 12.01
C THR A 187 -8.73 0.60 11.93
N VAL A 188 -8.60 -0.10 13.05
CA VAL A 188 -7.79 -1.30 13.16
C VAL A 188 -8.53 -2.40 13.94
N ARG A 189 -8.43 -3.62 13.42
CA ARG A 189 -9.07 -4.76 14.03
C ARG A 189 -8.23 -6.02 13.73
N THR A 190 -8.23 -6.96 14.67
CA THR A 190 -7.80 -8.31 14.37
C THR A 190 -8.74 -8.92 13.31
N ASP A 191 -8.13 -9.58 12.33
CA ASP A 191 -8.84 -10.04 11.17
C ASP A 191 -9.32 -11.49 11.32
N THR A 192 -10.60 -11.69 11.00
CA THR A 192 -11.24 -13.02 10.96
C THR A 192 -11.18 -13.70 9.56
N GLY A 193 -10.46 -13.10 8.61
CA GLY A 193 -10.39 -13.64 7.25
C GLY A 193 -9.51 -14.88 7.11
N GLU A 194 -9.28 -15.29 5.86
CA GLU A 194 -8.29 -16.31 5.53
C GLU A 194 -6.96 -15.90 6.18
N PRO A 195 -6.34 -16.81 6.95
CA PRO A 195 -4.96 -16.53 7.36
C PRO A 195 -4.08 -16.47 6.14
N MET A 196 -2.98 -15.70 6.20
CA MET A 196 -2.12 -15.53 5.04
C MET A 196 -0.63 -15.78 5.29
N GLY A 197 -0.31 -16.45 6.40
CA GLY A 197 1.07 -16.80 6.71
C GLY A 197 1.89 -15.57 7.06
N ARG A 198 2.10 -14.71 6.06
CA ARG A 198 2.92 -13.50 6.18
C ARG A 198 2.84 -12.67 4.90
N GLY A 199 2.86 -11.35 5.05
CA GLY A 199 2.62 -10.45 3.94
C GLY A 199 1.78 -9.19 4.23
N THR A 200 1.38 -8.51 3.16
CA THR A 200 0.43 -7.40 3.20
C THR A 200 -0.47 -7.51 1.98
N LYS A 201 -1.77 -7.53 2.21
CA LYS A 201 -2.72 -7.22 1.16
C LYS A 201 -3.14 -5.76 1.26
N VAL A 202 -3.13 -5.09 0.11
CA VAL A 202 -3.68 -3.75 -0.01
C VAL A 202 -4.83 -3.83 -0.99
N ILE A 203 -6.03 -3.81 -0.43
CA ILE A 203 -7.25 -3.79 -1.21
C ILE A 203 -7.59 -2.34 -1.52
N LEU A 204 -7.71 -2.03 -2.80
CA LEU A 204 -8.03 -0.71 -3.26
C LEU A 204 -9.44 -0.74 -3.75
N HIS A 205 -10.33 -0.08 -3.00
CA HIS A 205 -11.71 0.05 -3.41
C HIS A 205 -11.84 1.26 -4.29
N LEU A 206 -11.80 1.04 -5.61
CA LEU A 206 -11.67 2.11 -6.61
C LEU A 206 -12.89 3.06 -6.68
N LYS A 207 -12.65 4.36 -6.84
CA LYS A 207 -13.70 5.33 -7.22
C LYS A 207 -14.33 4.96 -8.56
N GLU A 208 -15.63 5.26 -8.74
CA GLU A 208 -16.36 4.81 -9.96
C GLU A 208 -15.79 5.25 -11.30
N ASP A 209 -15.05 6.36 -11.34
CA ASP A 209 -14.41 6.80 -12.57
C ASP A 209 -12.99 6.23 -12.78
N GLN A 210 -12.60 5.26 -11.96
CA GLN A 210 -11.24 4.72 -12.00
C GLN A 210 -11.13 3.23 -12.38
N THR A 211 -12.24 2.63 -12.79
CA THR A 211 -12.34 1.20 -13.16
C THR A 211 -11.46 0.73 -14.30
N GLU A 212 -10.60 1.63 -14.79
CA GLU A 212 -9.66 1.34 -15.86
C GLU A 212 -8.46 0.59 -15.30
N TYR A 213 -8.19 0.80 -14.01
CA TYR A 213 -7.10 0.08 -13.33
C TYR A 213 -7.54 -1.33 -12.94
N LEU A 214 -8.67 -1.76 -13.55
CA LEU A 214 -9.19 -3.10 -13.37
C LEU A 214 -8.91 -3.97 -14.59
N GLU A 215 -8.54 -3.32 -15.70
CA GLU A 215 -8.39 -3.98 -16.98
C GLU A 215 -7.00 -4.56 -17.20
N GLU A 216 -6.96 -5.84 -17.56
CA GLU A 216 -5.70 -6.56 -17.74
C GLU A 216 -4.68 -5.79 -18.60
N ARG A 217 -5.06 -5.41 -19.82
CA ARG A 217 -4.20 -4.60 -20.71
C ARG A 217 -3.69 -3.29 -20.03
N ARG A 218 -4.55 -2.65 -19.24
CA ARG A 218 -4.19 -1.39 -18.58
C ARG A 218 -3.17 -1.60 -17.51
N ILE A 219 -3.31 -2.70 -16.76
CA ILE A 219 -2.36 -3.05 -15.71
C ILE A 219 -1.01 -3.41 -16.29
N LYS A 220 -1.03 -4.22 -17.36
CA LYS A 220 0.21 -4.64 -18.03
C LYS A 220 1.01 -3.41 -18.39
N GLU A 221 0.34 -2.46 -19.05
CA GLU A 221 0.93 -1.18 -19.43
C GLU A 221 1.65 -0.42 -18.30
N ILE A 222 1.04 -0.33 -17.12
CA ILE A 222 1.69 0.36 -16.01
C ILE A 222 2.85 -0.42 -15.37
N VAL A 223 2.75 -1.73 -15.39
CA VAL A 223 3.78 -2.59 -14.82
C VAL A 223 5.04 -2.49 -15.68
N LYS A 224 4.93 -2.81 -16.97
CA LYS A 224 6.01 -2.65 -17.95
C LYS A 224 6.54 -1.22 -17.98
N LYS A 225 5.66 -0.23 -17.80
CA LYS A 225 6.07 1.15 -17.96
C LYS A 225 6.89 1.59 -16.73
N HIS A 226 6.40 1.28 -15.52
CA HIS A 226 6.91 1.87 -14.25
C HIS A 226 7.63 0.92 -13.31
N SER A 227 7.51 -0.37 -13.54
CA SER A 227 7.97 -1.33 -12.58
C SER A 227 8.66 -2.53 -13.26
N GLN A 228 9.23 -2.29 -14.44
CA GLN A 228 9.84 -3.37 -15.22
C GLN A 228 10.97 -4.06 -14.44
N PHE A 229 11.66 -3.29 -13.59
CA PHE A 229 12.85 -3.79 -12.86
C PHE A 229 12.71 -4.07 -11.34
N ILE A 230 11.50 -4.44 -10.92
CA ILE A 230 11.24 -4.97 -9.58
C ILE A 230 11.91 -6.34 -9.42
N GLY A 231 12.40 -6.66 -8.22
CA GLY A 231 13.27 -7.81 -8.01
C GLY A 231 12.64 -9.14 -7.68
N TYR A 232 11.38 -9.31 -8.11
CA TYR A 232 10.50 -10.39 -7.61
C TYR A 232 9.42 -10.61 -8.62
N PRO A 233 8.90 -11.86 -8.72
CA PRO A 233 7.84 -12.16 -9.70
C PRO A 233 6.54 -11.45 -9.35
N ILE A 234 6.08 -10.61 -10.28
CA ILE A 234 4.80 -9.91 -10.21
C ILE A 234 3.81 -10.66 -11.11
N THR A 235 2.94 -11.50 -10.53
CA THR A 235 1.90 -12.17 -11.32
C THR A 235 0.66 -11.28 -11.42
N LEU A 236 0.25 -10.94 -12.64
CA LEU A 236 -1.06 -10.31 -12.84
C LEU A 236 -2.16 -11.36 -13.05
N PHE A 237 -3.12 -11.39 -12.14
CA PHE A 237 -4.20 -12.36 -12.23
C PHE A 237 -5.22 -11.84 -13.21
N VAL A 238 -5.99 -12.76 -13.80
CA VAL A 238 -7.03 -12.39 -14.78
C VAL A 238 -8.35 -12.89 -14.22
N GLU A 239 -9.49 -12.52 -14.82
CA GLU A 239 -10.80 -12.97 -14.30
C GLU A 239 -11.58 -13.95 -15.21
N LYS A 240 -12.43 -14.72 -14.73
MG MG B . 1.68 -16.99 -6.65
C1 XQK C . 4.01 4.33 3.92
C4 XQK C . 2.46 4.24 5.34
C5 XQK C . 3.10 3.52 4.43
C6 XQK C . 1.41 3.86 6.18
C9 XQK C . -0.22 2.70 7.03
C10 XQK C . 0.72 2.68 6.02
C11 XQK C . 0.93 1.59 4.96
C13 XQK C . 0.14 -0.43 4.26
C15 XQK C . -1.25 1.62 7.32
O14 XQK C . 2.09 1.28 4.62
O12 XQK C . -0.13 0.98 4.40
N8 XQK C . -0.05 3.83 7.72
N7 XQK C . 0.88 4.49 7.22
NAF XQK C . 3.85 5.49 4.56
O3 XQK C . 2.94 5.38 5.38
N5 ZZ3 D . 3.40 -3.49 1.06
C2 ZZ3 D . 3.97 -2.79 2.21
N4 ZZ3 D . 4.36 -3.39 3.13
N1 ZZ3 D . 4.03 -1.63 2.21
C3 ZZ3 D . 4.49 -1.08 3.12
C8 ZZ3 D . 4.58 0.46 3.12
N3 ZZ3 D . 4.88 -1.68 4.03
C4 ZZ3 D . 4.81 -2.83 4.03
S1 ZZ3 D . 5.41 -3.77 5.45
C6 ZZ3 D . 6.45 -2.83 6.59
#